data_9HD2
#
_entry.id   9HD2
#
_cell.length_a   52.398
_cell.length_b   52.398
_cell.length_c   146.336
_cell.angle_alpha   90.000
_cell.angle_beta   90.000
_cell.angle_gamma   90.000
#
_symmetry.space_group_name_H-M   'P 41 21 2'
#
loop_
_entity.id
_entity.type
_entity.pdbx_description
1 polymer 'Telomeric repeat-binding factor 1'
2 non-polymer '4-[(3,5-dimethoxyphenyl)methoxy]naphthalene-1-sulfonic acid'
3 non-polymer 1,2-ETHANEDIOL
4 non-polymer 'DIMETHYL SULFOXIDE'
5 non-polymer 'CALCIUM ION'
6 water water
#
_entity_poly.entity_id   1
_entity_poly.type   'polypeptide(L)'
_entity_poly.pdbx_seq_one_letter_code
;SNAQVQVGAPEEEEEEEEDAGLVAEAEAVAAGWMLDFLCLSLCRAFRDGRSEDFRRTRNSAEAIIHGLSSLTACQLRTIY
ICQFLTRIAAGKTLDAQFENDERITPLESALMIWGSIEKEHDKLHEEIQNLIKIQAIAVCMENGNFKEAEEVFERIFGDP
NSHMPFKSKLLMIISQKDTFHSFFQHFSYNHMMEKIKSYVNYVLSEKSSTFLMKAAAKVVESKR
;
_entity_poly.pdbx_strand_id   A
#
# COMPACT_ATOMS: atom_id res chain seq x y z
N GLU A 16 -7.50 12.13 43.14
CA GLU A 16 -6.78 10.91 42.80
C GLU A 16 -7.28 10.23 41.51
N GLU A 17 -8.02 10.97 40.66
CA GLU A 17 -8.49 10.46 39.37
C GLU A 17 -7.45 10.65 38.23
N GLU A 18 -6.31 11.32 38.53
CA GLU A 18 -5.18 11.59 37.65
C GLU A 18 -4.47 10.31 37.23
N ASP A 19 -4.49 9.26 38.09
CA ASP A 19 -3.85 7.97 37.83
C ASP A 19 -4.44 7.33 36.58
N ALA A 20 -5.78 7.34 36.43
CA ALA A 20 -6.44 6.78 35.24
C ALA A 20 -6.11 7.57 33.96
N GLY A 21 -5.83 8.87 34.11
CA GLY A 21 -5.43 9.73 33.01
C GLY A 21 -4.02 9.39 32.57
N LEU A 22 -3.12 9.21 33.55
CA LEU A 22 -1.73 8.81 33.29
C LEU A 22 -1.65 7.39 32.68
N VAL A 23 -2.63 6.53 32.97
CA VAL A 23 -2.68 5.18 32.42
C VAL A 23 -3.09 5.27 30.95
N ALA A 24 -4.17 6.01 30.67
CA ALA A 24 -4.69 6.24 29.32
C ALA A 24 -3.61 6.86 28.42
N GLU A 25 -2.80 7.79 28.97
CA GLU A 25 -1.71 8.43 28.25
C GLU A 25 -0.64 7.40 27.91
N ALA A 26 -0.24 6.55 28.87
CA ALA A 26 0.78 5.53 28.66
C ALA A 26 0.32 4.48 27.64
N GLU A 27 -0.95 4.06 27.70
CA GLU A 27 -1.49 3.14 26.68
C GLU A 27 -1.44 3.80 25.28
N ALA A 28 -1.71 5.13 25.17
CA ALA A 28 -1.61 5.85 23.88
C ALA A 28 -0.12 5.84 23.39
N VAL A 29 0.84 6.03 24.31
CA VAL A 29 2.26 5.95 23.95
C VAL A 29 2.62 4.50 23.45
N ALA A 30 2.18 3.47 24.17
CA ALA A 30 2.47 2.09 23.78
C ALA A 30 1.82 1.71 22.45
N ALA A 31 0.59 2.20 22.18
CA ALA A 31 -0.08 1.93 20.93
C ALA A 31 0.62 2.56 19.75
N GLY A 32 1.21 3.75 19.95
CA GLY A 32 1.99 4.43 18.93
C GLY A 32 3.19 3.60 18.55
N TRP A 33 3.94 3.09 19.54
CA TRP A 33 5.10 2.22 19.31
C TRP A 33 4.69 0.91 18.59
N MET A 34 3.52 0.33 18.98
CA MET A 34 3.01 -0.88 18.37
C MET A 34 2.64 -0.63 16.90
N LEU A 35 2.06 0.53 16.61
CA LEU A 35 1.69 0.90 15.24
C LEU A 35 2.94 1.00 14.37
N ASP A 36 3.98 1.76 14.80
CA ASP A 36 5.21 1.93 14.01
C ASP A 36 5.84 0.56 13.71
N PHE A 37 5.85 -0.33 14.74
CA PHE A 37 6.39 -1.70 14.65
C PHE A 37 5.61 -2.55 13.65
N LEU A 38 4.27 -2.49 13.72
CA LEU A 38 3.47 -3.28 12.79
C LEU A 38 3.54 -2.76 11.34
N CYS A 39 3.83 -1.44 11.13
CA CYS A 39 4.03 -0.94 9.75
C CYS A 39 5.31 -1.52 9.20
N LEU A 40 6.40 -1.46 9.98
CA LEU A 40 7.70 -1.98 9.58
C LEU A 40 7.61 -3.46 9.23
N SER A 41 6.90 -4.22 10.08
CA SER A 41 6.69 -5.66 9.86
CA SER A 41 6.69 -5.64 9.87
C SER A 41 5.87 -5.90 8.60
N LEU A 42 4.85 -5.08 8.36
CA LEU A 42 3.97 -5.20 7.20
C LEU A 42 4.72 -4.90 5.89
N CYS A 43 5.57 -3.85 5.90
CA CYS A 43 6.38 -3.42 4.76
C CYS A 43 7.39 -4.51 4.40
N ARG A 44 8.04 -5.09 5.42
CA ARG A 44 9.03 -6.15 5.26
C ARG A 44 8.40 -7.43 4.72
N ALA A 45 7.15 -7.72 5.15
CA ALA A 45 6.45 -8.90 4.66
C ALA A 45 6.11 -8.74 3.16
N PHE A 46 5.72 -7.53 2.75
CA PHE A 46 5.39 -7.24 1.34
C PHE A 46 6.63 -7.39 0.47
N ARG A 47 7.77 -6.86 0.94
CA ARG A 47 9.01 -6.92 0.21
C ARG A 47 9.50 -8.36 0.00
N ASP A 48 9.37 -9.21 1.02
CA ASP A 48 9.82 -10.60 0.97
C ASP A 48 8.89 -11.59 0.28
N GLY A 49 7.69 -11.16 -0.06
CA GLY A 49 6.69 -12.05 -0.63
C GLY A 49 6.07 -12.97 0.40
N ARG A 50 6.11 -12.61 1.69
CA ARG A 50 5.51 -13.45 2.75
C ARG A 50 4.03 -13.09 2.87
N SER A 51 3.21 -13.63 1.95
CA SER A 51 1.77 -13.34 1.82
CA SER A 51 1.78 -13.33 1.82
C SER A 51 0.92 -13.55 3.07
N GLU A 52 1.13 -14.67 3.78
CA GLU A 52 0.35 -15.02 4.95
C GLU A 52 0.74 -14.16 6.14
N ASP A 53 2.02 -13.83 6.29
CA ASP A 53 2.49 -12.95 7.36
C ASP A 53 1.93 -11.52 7.14
N PHE A 54 1.83 -11.08 5.86
CA PHE A 54 1.27 -9.78 5.48
C PHE A 54 -0.18 -9.78 5.90
N ARG A 55 -0.93 -10.84 5.56
CA ARG A 55 -2.34 -10.96 5.92
C ARG A 55 -2.53 -10.88 7.44
N ARG A 56 -1.75 -11.65 8.23
CA ARG A 56 -1.88 -11.64 9.69
C ARG A 56 -1.45 -10.30 10.33
N THR A 57 -0.39 -9.69 9.81
CA THR A 57 0.07 -8.39 10.32
C THR A 57 -0.87 -7.25 9.96
N ARG A 58 -1.51 -7.31 8.77
CA ARG A 58 -2.48 -6.28 8.39
C ARG A 58 -3.63 -6.29 9.38
N ASN A 59 -4.16 -7.49 9.71
CA ASN A 59 -5.22 -7.68 10.72
C ASN A 59 -4.83 -7.03 12.06
N SER A 60 -3.59 -7.26 12.52
CA SER A 60 -3.09 -6.68 13.76
C SER A 60 -3.03 -5.15 13.68
N ALA A 61 -2.47 -4.59 12.58
CA ALA A 61 -2.38 -3.13 12.42
C ALA A 61 -3.76 -2.50 12.44
N GLU A 62 -4.75 -3.07 11.74
CA GLU A 62 -6.10 -2.50 11.77
C GLU A 62 -6.67 -2.48 13.21
N ALA A 63 -6.54 -3.58 13.95
CA ALA A 63 -7.02 -3.65 15.33
C ALA A 63 -6.36 -2.59 16.21
N ILE A 64 -5.03 -2.47 16.18
CA ILE A 64 -4.32 -1.48 16.96
C ILE A 64 -4.77 -0.05 16.64
N ILE A 65 -4.96 0.21 15.33
CA ILE A 65 -5.41 1.52 14.87
C ILE A 65 -6.80 1.87 15.43
N HIS A 66 -7.75 0.90 15.50
CA HIS A 66 -9.07 1.16 16.08
C HIS A 66 -9.03 1.53 17.58
N GLY A 67 -7.93 1.20 18.26
CA GLY A 67 -7.75 1.52 19.68
C GLY A 67 -7.01 2.83 19.94
N LEU A 68 -6.81 3.61 18.87
CA LEU A 68 -6.10 4.88 18.90
C LEU A 68 -6.97 6.08 18.55
N SER A 69 -6.91 7.13 19.35
CA SER A 69 -7.67 8.34 19.07
C SER A 69 -6.88 9.44 18.35
N SER A 70 -5.68 9.72 18.80
CA SER A 70 -4.89 10.79 18.21
C SER A 70 -3.77 10.25 17.37
N LEU A 71 -3.57 10.85 16.20
CA LEU A 71 -2.51 10.43 15.30
C LEU A 71 -1.65 11.61 14.86
N THR A 72 -0.34 11.47 14.96
CA THR A 72 0.53 12.52 14.45
C THR A 72 0.51 12.47 12.90
N ALA A 73 1.12 13.46 12.23
CA ALA A 73 1.20 13.47 10.78
C ALA A 73 2.00 12.27 10.29
N CYS A 74 3.10 11.94 10.98
CA CYS A 74 3.97 10.81 10.64
CA CYS A 74 3.96 10.81 10.65
C CYS A 74 3.20 9.49 10.75
N GLN A 75 2.42 9.32 11.83
CA GLN A 75 1.62 8.12 12.02
C GLN A 75 0.56 7.97 10.93
N LEU A 76 -0.02 9.07 10.49
CA LEU A 76 -1.03 9.07 9.43
C LEU A 76 -0.40 8.67 8.09
N ARG A 77 0.80 9.20 7.80
CA ARG A 77 1.56 8.87 6.58
C ARG A 77 1.88 7.38 6.59
N THR A 78 2.32 6.88 7.74
CA THR A 78 2.63 5.48 7.99
C THR A 78 1.40 4.60 7.71
N ILE A 79 0.22 4.99 8.23
CA ILE A 79 -1.01 4.23 8.01
C ILE A 79 -1.37 4.21 6.51
N TYR A 80 -1.23 5.35 5.83
CA TYR A 80 -1.52 5.45 4.38
C TYR A 80 -0.64 4.55 3.57
N ILE A 81 0.65 4.42 3.94
CA ILE A 81 1.55 3.48 3.26
C ILE A 81 1.05 2.05 3.45
N CYS A 82 0.62 1.66 4.67
CA CYS A 82 0.10 0.32 4.91
C CYS A 82 -1.17 0.05 4.11
N GLN A 83 -2.05 1.03 4.01
CA GLN A 83 -3.29 0.89 3.24
C GLN A 83 -2.99 0.72 1.73
N PHE A 84 -1.97 1.48 1.24
CA PHE A 84 -1.49 1.44 -0.13
C PHE A 84 -0.95 0.05 -0.44
N LEU A 85 -0.10 -0.52 0.43
CA LEU A 85 0.44 -1.86 0.17
C LEU A 85 -0.66 -2.98 0.24
N THR A 86 -1.63 -2.80 1.10
CA THR A 86 -2.73 -3.74 1.21
C THR A 86 -3.54 -3.79 -0.07
N ARG A 87 -3.85 -2.63 -0.63
CA ARG A 87 -4.58 -2.56 -1.88
C ARG A 87 -3.80 -3.10 -3.07
N ILE A 88 -2.50 -2.83 -3.11
CA ILE A 88 -1.66 -3.32 -4.17
C ILE A 88 -1.63 -4.84 -4.17
N ALA A 89 -1.54 -5.43 -2.99
CA ALA A 89 -1.50 -6.88 -2.82
C ALA A 89 -2.80 -7.47 -3.34
N ALA A 90 -3.89 -6.76 -3.08
CA ALA A 90 -5.22 -7.14 -3.52
C ALA A 90 -5.56 -6.63 -4.95
N GLY A 91 -4.58 -6.14 -5.70
CA GLY A 91 -4.76 -5.58 -7.03
C GLY A 91 -5.45 -6.48 -8.04
N LYS A 92 -5.23 -7.80 -7.95
CA LYS A 92 -5.89 -8.74 -8.87
C LYS A 92 -7.22 -9.29 -8.33
N THR A 93 -7.66 -8.84 -7.14
CA THR A 93 -8.89 -9.28 -6.48
C THR A 93 -10.02 -8.30 -6.81
N LEU A 94 -10.60 -8.40 -8.01
CA LEU A 94 -11.66 -7.48 -8.44
C LEU A 94 -12.95 -7.55 -7.59
N ASP A 95 -13.08 -8.55 -6.71
CA ASP A 95 -14.21 -8.67 -5.80
C ASP A 95 -14.02 -7.82 -4.54
N ALA A 96 -12.81 -7.30 -4.27
CA ALA A 96 -12.56 -6.47 -3.09
C ALA A 96 -13.09 -5.05 -3.29
N GLN A 97 -13.88 -4.57 -2.35
CA GLN A 97 -14.39 -3.21 -2.38
C GLN A 97 -13.68 -2.43 -1.29
N PHE A 98 -12.67 -1.61 -1.64
CA PHE A 98 -11.95 -0.83 -0.63
C PHE A 98 -12.55 0.54 -0.34
N GLU A 99 -13.44 1.04 -1.22
CA GLU A 99 -14.03 2.36 -1.04
C GLU A 99 -15.53 2.32 -0.86
N ASN A 100 -16.12 3.41 -0.31
CA ASN A 100 -17.58 3.48 -0.17
C ASN A 100 -18.26 3.43 -1.54
N ASP A 101 -17.62 4.01 -2.57
CA ASP A 101 -18.11 3.88 -3.94
C ASP A 101 -17.71 2.46 -4.35
N GLU A 102 -18.70 1.58 -4.60
CA GLU A 102 -18.47 0.17 -4.91
C GLU A 102 -17.85 -0.12 -6.31
N ARG A 103 -17.79 0.88 -7.19
CA ARG A 103 -17.21 0.73 -8.53
C ARG A 103 -15.68 0.83 -8.57
N ILE A 104 -15.06 1.41 -7.52
CA ILE A 104 -13.62 1.64 -7.45
C ILE A 104 -12.87 0.33 -7.21
N THR A 105 -11.99 -0.03 -8.14
CA THR A 105 -11.21 -1.24 -8.06
C THR A 105 -10.02 -1.05 -7.11
N PRO A 106 -9.46 -2.15 -6.58
CA PRO A 106 -8.29 -2.03 -5.69
C PRO A 106 -7.11 -1.19 -6.21
N LEU A 107 -6.69 -1.35 -7.48
CA LEU A 107 -5.57 -0.55 -8.03
C LEU A 107 -5.93 0.95 -8.15
N GLU A 108 -7.20 1.27 -8.45
CA GLU A 108 -7.68 2.64 -8.50
C GLU A 108 -7.59 3.23 -7.07
N SER A 109 -8.01 2.46 -6.06
CA SER A 109 -7.94 2.85 -4.66
C SER A 109 -6.49 3.09 -4.22
N ALA A 110 -5.55 2.21 -4.61
CA ALA A 110 -4.12 2.43 -4.28
C ALA A 110 -3.62 3.73 -4.93
N LEU A 111 -4.08 4.04 -6.18
CA LEU A 111 -3.70 5.25 -6.89
C LEU A 111 -4.12 6.53 -6.10
N MET A 112 -5.35 6.55 -5.55
CA MET A 112 -5.83 7.68 -4.75
C MET A 112 -4.92 7.92 -3.56
N ILE A 113 -4.57 6.87 -2.81
CA ILE A 113 -3.69 6.99 -1.66
C ILE A 113 -2.28 7.44 -2.10
N TRP A 114 -1.75 6.85 -3.18
CA TRP A 114 -0.40 7.24 -3.70
C TRP A 114 -0.33 8.73 -4.09
N GLY A 115 -1.45 9.31 -4.50
CA GLY A 115 -1.50 10.74 -4.85
C GLY A 115 -1.76 11.64 -3.66
N SER A 116 -2.19 11.07 -2.52
CA SER A 116 -2.50 11.79 -1.29
C SER A 116 -1.38 11.81 -0.27
N ILE A 117 -0.55 10.75 -0.19
CA ILE A 117 0.58 10.70 0.75
C ILE A 117 1.51 11.94 0.61
N GLU A 118 1.87 12.55 1.74
CA GLU A 118 2.79 13.67 1.73
C GLU A 118 4.21 13.10 1.58
N LYS A 119 4.62 12.91 0.33
CA LYS A 119 5.92 12.36 0.01
C LYS A 119 6.52 13.07 -1.19
N GLU A 120 7.83 12.96 -1.37
CA GLU A 120 8.49 13.59 -2.49
C GLU A 120 8.04 13.01 -3.80
N HIS A 121 7.77 13.86 -4.78
CA HIS A 121 7.37 13.35 -6.08
C HIS A 121 8.58 13.20 -6.99
N ASP A 122 9.38 12.18 -6.73
CA ASP A 122 10.56 11.90 -7.54
C ASP A 122 10.22 11.05 -8.75
N LYS A 123 11.24 10.68 -9.51
CA LYS A 123 11.04 9.89 -10.70
C LYS A 123 10.38 8.55 -10.37
N LEU A 124 10.82 7.91 -9.30
CA LEU A 124 10.25 6.63 -8.86
C LEU A 124 8.79 6.78 -8.51
N HIS A 125 8.41 7.90 -7.89
CA HIS A 125 7.00 8.15 -7.57
C HIS A 125 6.12 8.11 -8.84
N GLU A 126 6.54 8.83 -9.92
CA GLU A 126 5.77 8.91 -11.15
C GLU A 126 5.78 7.60 -11.92
N GLU A 127 6.88 6.84 -11.87
CA GLU A 127 6.96 5.54 -12.51
C GLU A 127 5.95 4.58 -11.85
N ILE A 128 5.93 4.53 -10.51
CA ILE A 128 4.98 3.67 -9.79
C ILE A 128 3.54 4.08 -10.12
N GLN A 129 3.26 5.38 -10.12
CA GLN A 129 1.95 5.92 -10.45
C GLN A 129 1.50 5.47 -11.84
N ASN A 130 2.39 5.60 -12.84
CA ASN A 130 2.08 5.25 -14.21
C ASN A 130 1.88 3.76 -14.36
N LEU A 131 2.67 2.93 -13.65
CA LEU A 131 2.53 1.46 -13.66
C LEU A 131 1.20 1.02 -13.02
N ILE A 132 0.76 1.70 -11.95
CA ILE A 132 -0.53 1.37 -11.33
C ILE A 132 -1.69 1.69 -12.30
N LYS A 133 -1.59 2.80 -13.07
CA LYS A 133 -2.62 3.17 -14.04
C LYS A 133 -2.73 2.15 -15.17
N ILE A 134 -1.61 1.70 -15.76
CA ILE A 134 -1.64 0.67 -16.80
C ILE A 134 -2.24 -0.63 -16.27
N GLN A 135 -1.78 -1.08 -15.09
CA GLN A 135 -2.29 -2.30 -14.51
C GLN A 135 -3.73 -2.22 -14.06
N ALA A 136 -4.23 -1.06 -13.63
CA ALA A 136 -5.65 -0.94 -13.24
C ALA A 136 -6.57 -1.38 -14.39
N ILE A 137 -6.19 -1.01 -15.62
CA ILE A 137 -6.87 -1.42 -16.83
C ILE A 137 -6.60 -2.90 -17.19
N ALA A 138 -5.32 -3.29 -17.28
CA ALA A 138 -4.89 -4.64 -17.66
C ALA A 138 -5.52 -5.78 -16.86
N VAL A 139 -5.62 -5.61 -15.56
CA VAL A 139 -6.20 -6.65 -14.77
C VAL A 139 -7.66 -6.78 -15.17
N CYS A 140 -8.29 -5.69 -15.55
CA CYS A 140 -9.68 -5.79 -15.95
C CYS A 140 -9.73 -6.57 -17.24
N MET A 141 -8.84 -6.24 -18.16
CA MET A 141 -8.76 -6.88 -19.45
C MET A 141 -8.54 -8.35 -19.30
N GLU A 142 -7.64 -8.72 -18.41
CA GLU A 142 -7.30 -10.12 -18.21
C GLU A 142 -8.45 -10.99 -17.73
N ASN A 143 -9.36 -10.41 -16.98
CA ASN A 143 -10.52 -11.15 -16.50
C ASN A 143 -11.69 -11.10 -17.49
N GLY A 144 -11.51 -10.38 -18.59
CA GLY A 144 -12.56 -10.28 -19.58
C GLY A 144 -13.60 -9.21 -19.34
N ASN A 145 -13.41 -8.38 -18.31
CA ASN A 145 -14.35 -7.31 -18.04
C ASN A 145 -13.98 -6.07 -18.86
N PHE A 146 -14.23 -6.13 -20.16
CA PHE A 146 -13.88 -5.06 -21.08
C PHE A 146 -14.60 -3.74 -20.83
N LYS A 147 -15.89 -3.82 -20.53
CA LYS A 147 -16.66 -2.61 -20.23
C LYS A 147 -16.12 -1.97 -18.95
N GLU A 148 -15.70 -2.81 -17.96
CA GLU A 148 -15.15 -2.31 -16.71
C GLU A 148 -13.81 -1.61 -16.94
N ALA A 149 -12.96 -2.14 -17.84
CA ALA A 149 -11.68 -1.51 -18.17
C ALA A 149 -11.91 -0.14 -18.79
N GLU A 150 -12.94 -0.01 -19.63
CA GLU A 150 -13.33 1.25 -20.25
C GLU A 150 -13.76 2.26 -19.16
N GLU A 151 -14.49 1.78 -18.15
CA GLU A 151 -14.94 2.62 -17.06
C GLU A 151 -13.77 3.05 -16.18
N VAL A 152 -12.82 2.13 -15.94
CA VAL A 152 -11.62 2.41 -15.16
C VAL A 152 -10.79 3.48 -15.92
N PHE A 153 -10.65 3.30 -17.24
CA PHE A 153 -9.96 4.23 -18.12
C PHE A 153 -10.54 5.65 -17.99
N GLU A 154 -11.88 5.78 -18.02
CA GLU A 154 -12.54 7.09 -17.91
C GLU A 154 -12.29 7.76 -16.54
N ARG A 155 -12.30 6.98 -15.45
CA ARG A 155 -12.08 7.51 -14.10
C ARG A 155 -10.65 7.95 -13.85
N ILE A 156 -9.68 7.28 -14.48
CA ILE A 156 -8.28 7.62 -14.30
C ILE A 156 -7.87 8.72 -15.26
N PHE A 157 -8.07 8.52 -16.59
CA PHE A 157 -7.68 9.43 -17.65
C PHE A 157 -8.80 10.42 -17.97
N GLY A 158 -9.09 11.28 -16.99
N HIS A 163 -0.44 11.45 -19.83
CA HIS A 163 0.13 11.78 -21.14
C HIS A 163 -0.87 11.44 -22.24
N MET A 164 -0.97 12.31 -23.29
CA MET A 164 -1.88 12.15 -24.42
C MET A 164 -1.60 10.90 -25.32
N PRO A 165 -0.35 10.61 -25.77
CA PRO A 165 -0.15 9.41 -26.61
C PRO A 165 -0.34 8.11 -25.82
N PHE A 166 0.07 8.13 -24.55
CA PHE A 166 -0.05 7.04 -23.59
C PHE A 166 -1.53 6.69 -23.40
N LYS A 167 -2.38 7.72 -23.27
CA LYS A 167 -3.82 7.62 -23.10
C LYS A 167 -4.48 6.97 -24.33
N SER A 168 -4.07 7.36 -25.54
CA SER A 168 -4.67 6.81 -26.75
C SER A 168 -4.26 5.35 -27.04
N LYS A 169 -3.06 4.92 -26.61
CA LYS A 169 -2.63 3.53 -26.84
C LYS A 169 -3.54 2.58 -26.06
N LEU A 170 -3.77 2.90 -24.77
CA LEU A 170 -4.63 2.13 -23.88
C LEU A 170 -6.05 2.05 -24.39
N LEU A 171 -6.65 3.16 -24.86
CA LEU A 171 -8.03 3.11 -25.36
C LEU A 171 -8.13 2.18 -26.57
N MET A 172 -7.10 2.17 -27.43
CA MET A 172 -7.04 1.29 -28.61
C MET A 172 -7.00 -0.19 -28.19
N ILE A 173 -6.32 -0.49 -27.07
CA ILE A 173 -6.21 -1.85 -26.53
C ILE A 173 -7.53 -2.34 -25.91
N ILE A 174 -8.26 -1.44 -25.22
CA ILE A 174 -9.55 -1.78 -24.63
C ILE A 174 -10.56 -2.07 -25.75
N SER A 175 -10.68 -1.16 -26.74
CA SER A 175 -11.59 -1.30 -27.88
C SER A 175 -11.31 -2.56 -28.69
N GLN A 176 -10.02 -2.86 -28.94
CA GLN A 176 -9.63 -4.06 -29.67
C GLN A 176 -9.81 -5.36 -28.86
N LYS A 177 -10.19 -5.27 -27.57
CA LYS A 177 -10.38 -6.39 -26.65
C LYS A 177 -9.18 -7.33 -26.56
N ASP A 178 -7.98 -6.83 -26.87
CA ASP A 178 -6.76 -7.64 -26.81
C ASP A 178 -6.21 -7.59 -25.39
N THR A 179 -6.67 -8.53 -24.55
CA THR A 179 -6.26 -8.68 -23.15
C THR A 179 -4.78 -9.04 -23.03
N PHE A 180 -4.32 -9.96 -23.88
CA PHE A 180 -2.92 -10.37 -23.87
C PHE A 180 -2.12 -9.49 -24.83
N HIS A 181 -1.95 -8.21 -24.47
CA HIS A 181 -1.23 -7.26 -25.31
C HIS A 181 0.22 -7.08 -24.86
N SER A 182 1.14 -6.88 -25.82
CA SER A 182 2.57 -6.69 -25.58
C SER A 182 2.90 -5.46 -24.74
N PHE A 183 2.01 -4.46 -24.74
CA PHE A 183 2.21 -3.25 -23.94
C PHE A 183 2.13 -3.61 -22.46
N PHE A 184 1.16 -4.44 -22.12
CA PHE A 184 0.99 -4.91 -20.77
C PHE A 184 2.18 -5.75 -20.35
N GLN A 185 2.74 -6.52 -21.27
CA GLN A 185 3.91 -7.31 -20.96
C GLN A 185 5.08 -6.39 -20.61
N HIS A 186 5.23 -5.32 -21.38
CA HIS A 186 6.30 -4.36 -21.15
C HIS A 186 6.21 -3.60 -19.84
N PHE A 187 5.00 -3.31 -19.40
CA PHE A 187 4.80 -2.60 -18.16
C PHE A 187 3.89 -3.51 -17.39
N SER A 188 4.48 -4.63 -16.98
CA SER A 188 3.85 -5.72 -16.28
C SER A 188 3.55 -5.53 -14.81
N TYR A 189 2.73 -6.43 -14.31
CA TYR A 189 2.36 -6.44 -12.92
C TYR A 189 3.63 -6.66 -12.12
N ASN A 190 4.48 -7.54 -12.61
CA ASN A 190 5.75 -7.83 -11.95
C ASN A 190 6.62 -6.59 -11.88
N HIS A 191 6.62 -5.77 -12.95
CA HIS A 191 7.36 -4.53 -13.04
C HIS A 191 6.85 -3.56 -11.99
N MET A 192 5.52 -3.40 -11.89
CA MET A 192 4.87 -2.53 -10.89
C MET A 192 5.27 -3.01 -9.47
N MET A 193 5.17 -4.33 -9.17
CA MET A 193 5.56 -4.91 -7.87
C MET A 193 7.05 -4.64 -7.52
N GLU A 194 7.98 -4.88 -8.46
CA GLU A 194 9.40 -4.63 -8.21
C GLU A 194 9.69 -3.16 -7.91
N LYS A 195 9.04 -2.23 -8.63
CA LYS A 195 9.25 -0.81 -8.38
C LYS A 195 8.70 -0.44 -7.01
N ILE A 196 7.54 -0.99 -6.65
CA ILE A 196 6.94 -0.73 -5.36
C ILE A 196 7.82 -1.28 -4.23
N LYS A 197 8.45 -2.48 -4.44
CA LYS A 197 9.41 -3.09 -3.51
C LYS A 197 10.67 -2.21 -3.30
N SER A 198 11.15 -1.51 -4.33
CA SER A 198 12.29 -0.59 -4.19
C SER A 198 11.91 0.54 -3.21
N TYR A 199 10.69 1.09 -3.35
CA TYR A 199 10.21 2.16 -2.51
C TYR A 199 10.10 1.66 -1.06
N VAL A 200 9.52 0.45 -0.90
CA VAL A 200 9.34 -0.15 0.42
C VAL A 200 10.69 -0.31 1.13
N ASN A 201 11.75 -0.66 0.38
CA ASN A 201 13.11 -0.74 0.93
C ASN A 201 13.58 0.60 1.57
N TYR A 202 13.21 1.76 1.00
CA TYR A 202 13.56 3.05 1.60
C TYR A 202 12.73 3.29 2.88
N VAL A 203 11.47 2.86 2.89
CA VAL A 203 10.63 2.99 4.09
C VAL A 203 11.19 2.10 5.21
N LEU A 204 11.64 0.88 4.87
CA LEU A 204 12.23 -0.07 5.80
C LEU A 204 13.50 0.48 6.44
N SER A 205 14.29 1.26 5.69
N SER A 205 14.28 1.26 5.69
CA SER A 205 15.51 1.85 6.24
CA SER A 205 15.50 1.86 6.21
C SER A 205 15.18 2.96 7.23
C SER A 205 15.15 2.94 7.23
N GLU A 206 14.10 3.73 6.97
CA GLU A 206 13.64 4.81 7.82
C GLU A 206 13.05 4.31 9.14
N LYS A 207 12.26 3.21 9.09
CA LYS A 207 11.56 2.69 10.26
C LYS A 207 12.30 1.63 11.06
N SER A 208 13.44 1.13 10.57
CA SER A 208 14.19 0.12 11.32
C SER A 208 14.67 0.64 12.68
N SER A 209 14.76 1.97 12.86
CA SER A 209 15.17 2.59 14.11
C SER A 209 14.01 2.88 15.10
N THR A 210 12.78 2.41 14.83
CA THR A 210 11.67 2.66 15.76
C THR A 210 11.90 1.96 17.13
N PHE A 211 11.25 2.43 18.16
CA PHE A 211 11.54 1.93 19.49
C PHE A 211 11.35 0.45 19.74
N LEU A 212 10.24 -0.11 19.29
CA LEU A 212 10.02 -1.52 19.53
C LEU A 212 11.02 -2.42 18.85
N MET A 213 11.28 -2.16 17.58
CA MET A 213 12.22 -2.99 16.84
C MET A 213 13.63 -2.88 17.36
N LYS A 214 14.02 -1.66 17.69
CA LYS A 214 15.36 -1.38 18.21
C LYS A 214 15.59 -2.10 19.55
N ALA A 215 14.61 -2.08 20.45
CA ALA A 215 14.73 -2.75 21.75
C ALA A 215 14.65 -4.29 21.59
N ALA A 216 13.87 -4.77 20.61
CA ALA A 216 13.76 -6.20 20.36
C ALA A 216 15.08 -6.70 19.75
N ALA A 217 15.64 -5.97 18.79
CA ALA A 217 16.91 -6.35 18.19
C ALA A 217 18.04 -6.41 19.22
N LYS A 218 18.06 -5.49 20.19
CA LYS A 218 19.09 -5.51 21.25
C LYS A 218 18.99 -6.79 22.11
N VAL A 219 17.77 -7.24 22.43
CA VAL A 219 17.57 -8.44 23.24
C VAL A 219 18.08 -9.69 22.50
N VAL A 220 17.81 -9.75 21.20
CA VAL A 220 18.25 -10.85 20.34
C VAL A 220 19.79 -10.85 20.26
N GLU A 221 20.38 -9.65 20.08
CA GLU A 221 21.82 -9.43 20.00
C GLU A 221 22.56 -9.74 21.29
N SER A 222 21.92 -9.49 22.45
CA SER A 222 22.49 -9.79 23.76
C SER A 222 22.51 -11.30 24.08
N LYS A 223 21.69 -12.10 23.37
CA LYS A 223 21.67 -13.56 23.55
C LYS A 223 22.60 -14.29 22.54
N ARG A 224 23.33 -13.56 21.68
CA ARG A 224 24.21 -14.13 20.68
C ARG A 224 25.63 -14.37 21.20
#